data_9AS1
#
_entry.id   9AS1
#
_cell.length_a   1.00
_cell.length_b   1.00
_cell.length_c   1.00
_cell.angle_alpha   90.00
_cell.angle_beta   90.00
_cell.angle_gamma   90.00
#
_symmetry.space_group_name_H-M   'P 1'
#
loop_
_entity.id
_entity.type
_entity.pdbx_description
1 polymer '5-hydroxytryptamine receptor 2A'
2 non-polymer 2-(1H-indol-3-yl)-N,N-dimethylethan-1-amine
#
_entity_poly.entity_id   1
_entity_poly.type   'polypeptide(L)'
_entity_poly.pdbx_seq_one_letter_code
;MDILCEENTSLSSTTNSLMQLNDDTRLYSNDFNSGEANTSDAFNWTVDSENRTNLSCEGCLSPSCLSLLHLQEKNWSALL
TAVVIILTIAGNILVIMAVSLEKKLQNATNYFLMSLAIADMLLGFLVMPVSMLTILYGYRWPLPSKLCAVWIYLDVLFST
ASIMHLCAISLDRYVAIQNPIHHSRFNSRTKAFLKIIAVWTISVGISMPIPVFGLQDDSKVFKEGSCLLADDNFVLIGSF
VSFFIPLTIMVITYFLTIKSLQKEATLCVSDLGTRAKLASFSFLPQSSLSSEKLFQRSIHREPGSYTGRRTMQSISNEQK
ACKVLGIVFFLFVVMWCPFFITNIMAVICKESCNEDVIGALLNVFVWIGYLSSAVNPLVYTLFNKTYRSAFSRYIQCQYK
ENKKPLQLILVNTIPALAYKSSQLQMGQKKNSKQDAKTTDNDCSMVALGKQHSEEASKDNSDGVNEKVSCV
;
_entity_poly.pdbx_strand_id   A
#
# COMPACT_ATOMS: atom_id res chain seq x y z
N LEU A 79 6.22 -11.95 18.58
CA LEU A 79 5.63 -13.17 18.07
C LEU A 79 5.89 -13.31 16.57
N LEU A 80 4.82 -13.56 15.80
CA LEU A 80 4.95 -13.72 14.36
C LEU A 80 5.13 -12.40 13.63
N THR A 81 4.92 -11.26 14.30
CA THR A 81 5.08 -9.98 13.65
C THR A 81 6.53 -9.60 13.44
N ALA A 82 7.44 -10.21 14.21
CA ALA A 82 8.87 -9.92 14.05
C ALA A 82 9.40 -10.41 12.71
N VAL A 83 8.91 -11.57 12.23
CA VAL A 83 9.26 -12.06 10.91
C VAL A 83 8.71 -11.13 9.84
N VAL A 84 7.53 -10.56 10.08
CA VAL A 84 6.94 -9.59 9.16
C VAL A 84 7.79 -8.35 9.06
N ILE A 85 8.28 -7.84 10.20
CA ILE A 85 9.13 -6.65 10.21
C ILE A 85 10.45 -6.93 9.51
N ILE A 86 11.06 -8.10 9.80
CA ILE A 86 12.36 -8.45 9.21
C ILE A 86 12.25 -8.64 7.71
N LEU A 87 11.20 -9.31 7.24
CA LEU A 87 11.08 -9.54 5.80
C LEU A 87 10.63 -8.27 5.07
N THR A 88 9.87 -7.40 5.75
CA THR A 88 9.50 -6.11 5.18
C THR A 88 10.75 -5.25 4.97
N ILE A 89 11.67 -5.27 5.93
CA ILE A 89 12.95 -4.58 5.77
C ILE A 89 13.75 -5.19 4.63
N ALA A 90 13.86 -6.53 4.61
CA ALA A 90 14.77 -7.22 3.70
C ALA A 90 14.34 -7.08 2.24
N GLY A 91 13.05 -7.29 1.96
CA GLY A 91 12.59 -7.23 0.58
C GLY A 91 12.68 -5.84 -0.03
N ASN A 92 12.28 -4.82 0.74
CA ASN A 92 12.34 -3.46 0.23
C ASN A 92 13.78 -2.98 0.07
N ILE A 93 14.67 -3.39 0.99
CA ILE A 93 16.07 -3.04 0.86
C ILE A 93 16.70 -3.71 -0.35
N LEU A 94 16.37 -4.98 -0.61
CA LEU A 94 16.90 -5.66 -1.80
C LEU A 94 16.35 -5.07 -3.10
N VAL A 95 15.09 -4.63 -3.11
CA VAL A 95 14.54 -3.97 -4.29
C VAL A 95 15.24 -2.63 -4.55
N ILE A 96 15.47 -1.85 -3.49
CA ILE A 96 16.14 -0.56 -3.62
C ILE A 96 17.58 -0.75 -4.10
N MET A 97 18.27 -1.74 -3.53
CA MET A 97 19.63 -2.05 -3.95
C MET A 97 19.70 -2.59 -5.38
N ALA A 98 18.68 -3.33 -5.83
CA ALA A 98 18.69 -3.82 -7.21
C ALA A 98 18.36 -2.71 -8.21
N VAL A 99 17.54 -1.74 -7.81
CA VAL A 99 17.28 -0.60 -8.68
C VAL A 99 18.50 0.29 -8.80
N SER A 100 19.20 0.50 -7.67
CA SER A 100 20.23 1.54 -7.61
C SER A 100 21.46 1.21 -8.45
N LEU A 101 21.91 -0.04 -8.43
CA LEU A 101 23.14 -0.43 -9.13
C LEU A 101 22.87 -1.25 -10.38
N GLU A 102 21.73 -1.01 -11.02
CA GLU A 102 21.45 -1.58 -12.33
C GLU A 102 21.01 -0.47 -13.28
N LYS A 103 21.65 -0.41 -14.45
CA LYS A 103 21.30 0.56 -15.48
C LYS A 103 20.29 0.01 -16.48
N LYS A 104 19.97 -1.28 -16.41
CA LYS A 104 18.96 -1.84 -17.30
C LYS A 104 17.53 -1.60 -16.79
N LEU A 105 17.39 -1.20 -15.52
CA LEU A 105 16.08 -1.00 -14.90
C LEU A 105 15.83 0.47 -14.60
N GLN A 106 16.29 1.38 -15.47
CA GLN A 106 16.24 2.80 -15.20
C GLN A 106 15.10 3.51 -15.92
N ASN A 107 14.14 2.77 -16.46
CA ASN A 107 13.02 3.40 -17.14
C ASN A 107 12.00 3.94 -16.14
N ALA A 108 10.99 4.63 -16.66
CA ALA A 108 10.03 5.35 -15.82
C ALA A 108 9.11 4.40 -15.07
N THR A 109 8.70 3.33 -15.74
CA THR A 109 7.80 2.32 -15.16
C THR A 109 8.44 1.76 -13.91
N ASN A 110 9.75 1.50 -13.94
CA ASN A 110 10.45 1.00 -12.77
C ASN A 110 10.81 2.09 -11.76
N TYR A 111 10.88 3.34 -12.19
CA TYR A 111 11.07 4.43 -11.24
C TYR A 111 9.85 4.62 -10.35
N PHE A 112 8.65 4.39 -10.90
CA PHE A 112 7.45 4.39 -10.06
C PHE A 112 7.51 3.28 -9.00
N LEU A 113 8.04 2.12 -9.38
CA LEU A 113 8.18 1.03 -8.41
C LEU A 113 9.26 1.34 -7.39
N MET A 114 10.28 2.10 -7.78
CA MET A 114 11.27 2.57 -6.80
C MET A 114 10.64 3.52 -5.80
N SER A 115 9.72 4.38 -6.28
CA SER A 115 8.97 5.25 -5.37
C SER A 115 8.06 4.45 -4.45
N LEU A 116 7.52 3.34 -4.96
CA LEU A 116 6.73 2.44 -4.12
C LEU A 116 7.58 1.80 -3.03
N ALA A 117 8.80 1.37 -3.37
CA ALA A 117 9.70 0.81 -2.37
C ALA A 117 10.18 1.86 -1.36
N ILE A 118 10.29 3.11 -1.80
CA ILE A 118 10.53 4.23 -0.89
C ILE A 118 9.37 4.38 0.08
N ALA A 119 8.13 4.34 -0.42
CA ALA A 119 6.95 4.45 0.42
C ALA A 119 6.72 3.20 1.28
N ASP A 120 7.40 2.10 0.97
CA ASP A 120 7.20 0.85 1.66
C ASP A 120 8.31 0.49 2.63
N MET A 121 9.54 1.00 2.41
CA MET A 121 10.60 0.84 3.39
C MET A 121 10.25 1.52 4.71
N LEU A 122 9.70 2.73 4.63
CA LEU A 122 9.41 3.53 5.81
C LEU A 122 8.24 2.99 6.62
N LEU A 123 7.44 2.07 6.05
CA LEU A 123 6.36 1.47 6.83
C LEU A 123 6.90 0.57 7.92
N GLY A 124 7.85 -0.31 7.57
CA GLY A 124 8.34 -1.34 8.48
C GLY A 124 9.36 -0.88 9.50
N PHE A 125 9.74 0.39 9.49
CA PHE A 125 10.68 0.92 10.47
C PHE A 125 10.14 2.07 11.29
N LEU A 126 9.03 2.69 10.88
CA LEU A 126 8.48 3.84 11.60
C LEU A 126 7.12 3.57 12.23
N VAL A 127 6.39 2.55 11.77
CA VAL A 127 5.04 2.27 12.25
C VAL A 127 4.92 0.87 12.85
N MET A 128 5.50 -0.13 12.20
CA MET A 128 5.33 -1.50 12.64
C MET A 128 6.11 -1.86 13.92
N PRO A 129 7.34 -1.36 14.19
CA PRO A 129 7.87 -1.53 15.55
C PRO A 129 7.06 -0.83 16.65
N VAL A 130 6.42 0.30 16.31
CA VAL A 130 5.53 0.96 17.25
C VAL A 130 4.33 0.07 17.57
N SER A 131 3.73 -0.54 16.55
CA SER A 131 2.69 -1.53 16.77
C SER A 131 3.22 -2.77 17.48
N MET A 132 4.50 -3.07 17.26
CA MET A 132 5.13 -4.24 17.91
C MET A 132 5.11 -4.03 19.43
N LEU A 133 5.69 -2.93 19.93
CA LEU A 133 5.75 -2.79 21.39
C LEU A 133 4.40 -2.33 21.94
N THR A 134 3.48 -1.91 21.07
CA THR A 134 2.10 -1.74 21.51
C THR A 134 1.44 -3.09 21.77
N ILE A 135 1.70 -4.07 20.90
CA ILE A 135 1.17 -5.42 21.09
C ILE A 135 1.82 -6.09 22.29
N LEU A 136 3.13 -5.92 22.44
CA LEU A 136 3.85 -6.59 23.53
C LEU A 136 3.51 -6.01 24.90
N TYR A 137 2.97 -4.80 24.94
CA TYR A 137 2.57 -4.17 26.19
C TYR A 137 1.09 -4.38 26.51
N GLY A 138 0.40 -5.27 25.78
CA GLY A 138 -1.00 -5.55 26.03
C GLY A 138 -1.94 -4.40 25.73
N TYR A 139 -1.73 -3.75 24.57
CA TYR A 139 -2.54 -2.65 24.05
C TYR A 139 -2.59 -1.45 24.98
N ARG A 140 -1.55 -1.25 25.77
CA ARG A 140 -1.36 -0.05 26.58
C ARG A 140 -0.05 0.59 26.16
N TRP A 141 -0.13 1.77 25.58
CA TRP A 141 0.99 2.31 24.81
C TRP A 141 2.03 2.90 25.77
N PRO A 142 3.28 2.43 25.77
CA PRO A 142 4.28 3.03 26.65
C PRO A 142 4.85 4.35 26.13
N LEU A 143 4.61 4.69 24.86
CA LEU A 143 5.13 5.92 24.30
C LEU A 143 4.34 7.12 24.85
N PRO A 144 4.92 8.34 24.78
CA PRO A 144 4.17 9.53 25.21
C PRO A 144 2.97 9.81 24.32
N SER A 145 2.07 10.64 24.86
CA SER A 145 0.79 10.90 24.20
C SER A 145 0.90 11.89 23.06
N LYS A 146 2.06 12.55 22.89
CA LYS A 146 2.19 13.55 21.85
C LYS A 146 2.38 12.95 20.47
N LEU A 147 2.73 11.67 20.37
CA LEU A 147 3.02 11.04 19.08
C LEU A 147 1.86 10.22 18.55
N CYS A 148 0.67 10.29 19.17
CA CYS A 148 -0.44 9.45 18.74
C CYS A 148 -0.98 9.90 17.39
N ALA A 149 -1.26 11.20 17.25
CA ALA A 149 -1.76 11.72 15.99
C ALA A 149 -0.70 11.64 14.90
N VAL A 150 0.56 11.82 15.26
CA VAL A 150 1.66 11.71 14.28
C VAL A 150 1.81 10.28 13.79
N TRP A 151 1.70 9.30 14.70
CA TRP A 151 1.84 7.90 14.31
C TRP A 151 0.65 7.43 13.49
N ILE A 152 -0.56 7.87 13.84
CA ILE A 152 -1.75 7.57 13.04
C ILE A 152 -1.64 8.22 11.65
N TYR A 153 -1.14 9.46 11.60
CA TYR A 153 -0.95 10.15 10.33
C TYR A 153 0.09 9.45 9.46
N LEU A 154 1.18 8.95 10.07
CA LEU A 154 2.17 8.20 9.33
C LEU A 154 1.61 6.90 8.78
N ASP A 155 0.78 6.21 9.59
CA ASP A 155 0.15 4.97 9.15
C ASP A 155 -0.79 5.20 7.98
N VAL A 156 -1.67 6.21 8.06
CA VAL A 156 -2.60 6.55 6.99
C VAL A 156 -1.86 7.07 5.76
N LEU A 157 -0.76 7.81 5.93
CA LEU A 157 0.01 8.33 4.80
C LEU A 157 0.69 7.20 4.04
N PHE A 158 1.35 6.29 4.75
CA PHE A 158 2.04 5.18 4.08
C PHE A 158 1.04 4.20 3.47
N SER A 159 -0.11 3.97 4.11
CA SER A 159 -1.09 3.05 3.55
C SER A 159 -1.75 3.63 2.30
N THR A 160 -2.15 4.90 2.32
CA THR A 160 -2.76 5.55 1.16
C THR A 160 -1.74 5.73 0.05
N ALA A 161 -0.46 5.93 0.36
CA ALA A 161 0.57 5.98 -0.66
C ALA A 161 0.76 4.62 -1.32
N SER A 162 0.85 3.56 -0.50
CA SER A 162 1.04 2.22 -1.05
C SER A 162 -0.23 1.63 -1.67
N ILE A 163 -1.40 2.24 -1.50
CA ILE A 163 -2.65 1.88 -2.22
C ILE A 163 -2.69 2.65 -3.54
N MET A 164 -2.59 3.99 -3.49
CA MET A 164 -2.63 4.85 -4.67
C MET A 164 -1.53 4.50 -5.68
N HIS A 165 -0.37 4.04 -5.22
CA HIS A 165 0.69 3.58 -6.11
C HIS A 165 0.22 2.42 -6.97
N LEU A 166 -0.46 1.46 -6.37
CA LEU A 166 -0.96 0.31 -7.14
C LEU A 166 -2.11 0.72 -8.04
N CYS A 167 -2.95 1.68 -7.62
CA CYS A 167 -4.04 2.20 -8.43
C CYS A 167 -3.50 2.90 -9.69
N ALA A 168 -2.46 3.72 -9.56
CA ALA A 168 -1.84 4.37 -10.71
C ALA A 168 -1.08 3.37 -11.57
N ILE A 169 -0.49 2.34 -10.95
CA ILE A 169 0.20 1.28 -11.69
C ILE A 169 -0.80 0.51 -12.55
N SER A 170 -1.98 0.22 -12.01
CA SER A 170 -3.00 -0.49 -12.78
C SER A 170 -3.54 0.36 -13.93
N LEU A 171 -3.75 1.66 -13.69
CA LEU A 171 -4.24 2.52 -14.78
C LEU A 171 -3.19 2.71 -15.88
N ASP A 172 -1.93 2.85 -15.47
CA ASP A 172 -0.83 2.97 -16.47
C ASP A 172 -0.74 1.66 -17.25
N ARG A 173 -0.86 0.53 -16.54
CA ARG A 173 -0.82 -0.81 -17.17
C ARG A 173 -1.98 -0.93 -18.17
N TYR A 174 -3.15 -0.35 -17.85
CA TYR A 174 -4.30 -0.39 -18.76
C TYR A 174 -4.00 0.40 -20.03
N VAL A 175 -3.49 1.63 -19.89
CA VAL A 175 -3.23 2.40 -21.11
C VAL A 175 -2.00 1.92 -21.86
N ALA A 176 -1.15 1.10 -21.23
CA ALA A 176 -0.04 0.46 -21.92
C ALA A 176 -0.40 -0.92 -22.47
N ILE A 177 -1.59 -1.44 -22.14
CA ILE A 177 -2.06 -2.77 -22.64
C ILE A 177 -3.08 -2.51 -23.76
N GLN A 178 -3.90 -1.47 -23.63
CA GLN A 178 -4.97 -1.17 -24.59
C GLN A 178 -4.41 -0.69 -25.93
N ASN A 179 -3.73 0.45 -25.92
CA ASN A 179 -3.12 1.02 -27.13
C ASN A 179 -1.66 1.35 -26.86
N PRO A 180 -0.75 0.39 -27.10
CA PRO A 180 0.72 0.56 -26.86
C PRO A 180 1.32 1.72 -27.66
N ILE A 181 0.76 2.12 -28.81
CA ILE A 181 1.34 3.18 -29.63
C ILE A 181 1.19 4.53 -28.95
N HIS A 182 -0.01 4.84 -28.48
CA HIS A 182 -0.23 6.13 -27.83
C HIS A 182 0.33 6.19 -26.42
N HIS A 183 0.58 5.03 -25.79
CA HIS A 183 1.32 5.04 -24.53
C HIS A 183 2.82 5.26 -24.77
N SER A 184 3.38 4.64 -25.81
CA SER A 184 4.79 4.84 -26.12
C SER A 184 5.07 6.18 -26.76
N ARG A 185 4.04 6.85 -27.28
CA ARG A 185 4.20 8.21 -27.79
C ARG A 185 4.54 9.18 -26.66
N PHE A 186 3.86 9.06 -25.52
CA PHE A 186 4.11 9.93 -24.37
C PHE A 186 4.92 9.26 -23.28
N ASN A 187 5.52 8.10 -23.56
CA ASN A 187 6.33 7.37 -22.57
C ASN A 187 7.62 8.13 -22.31
N SER A 188 7.74 8.73 -21.13
CA SER A 188 8.91 9.50 -20.76
C SER A 188 9.00 9.54 -19.24
N ARG A 189 9.99 10.28 -18.73
CA ARG A 189 10.10 10.49 -17.30
C ARG A 189 9.14 11.57 -16.81
N THR A 190 8.58 12.36 -17.73
CA THR A 190 7.60 13.37 -17.37
C THR A 190 6.32 12.73 -16.84
N LYS A 191 5.90 11.62 -17.45
CA LYS A 191 4.72 10.90 -16.98
C LYS A 191 4.96 10.30 -15.60
N ALA A 192 6.16 9.77 -15.35
CA ALA A 192 6.49 9.23 -14.04
C ALA A 192 6.52 10.32 -12.98
N PHE A 193 7.09 11.49 -13.32
CA PHE A 193 7.13 12.60 -12.38
C PHE A 193 5.73 13.12 -12.05
N LEU A 194 4.88 13.26 -13.08
CA LEU A 194 3.51 13.71 -12.86
C LEU A 194 2.71 12.68 -12.06
N LYS A 195 2.90 11.39 -12.34
CA LYS A 195 2.16 10.35 -11.63
C LYS A 195 2.61 10.26 -10.17
N ILE A 196 3.91 10.34 -9.90
CA ILE A 196 4.42 10.30 -8.53
C ILE A 196 3.96 11.52 -7.75
N ILE A 197 3.97 12.69 -8.39
CA ILE A 197 3.50 13.92 -7.75
C ILE A 197 2.01 13.84 -7.45
N ALA A 198 1.22 13.27 -8.36
CA ALA A 198 -0.21 13.14 -8.16
C ALA A 198 -0.55 12.18 -7.02
N VAL A 199 0.10 10.99 -7.01
CA VAL A 199 -0.21 10.01 -5.98
C VAL A 199 0.31 10.47 -4.62
N TRP A 200 1.42 11.21 -4.58
CA TRP A 200 1.91 11.68 -3.29
C TRP A 200 1.12 12.88 -2.79
N THR A 201 0.62 13.73 -3.70
CA THR A 201 -0.30 14.79 -3.30
C THR A 201 -1.60 14.21 -2.75
N ILE A 202 -2.10 13.14 -3.36
CA ILE A 202 -3.30 12.46 -2.85
C ILE A 202 -3.03 11.84 -1.48
N SER A 203 -1.86 11.20 -1.32
CA SER A 203 -1.55 10.52 -0.06
C SER A 203 -1.33 11.50 1.09
N VAL A 204 -0.71 12.65 0.82
CA VAL A 204 -0.61 13.67 1.86
C VAL A 204 -1.96 14.33 2.13
N GLY A 205 -2.73 14.68 1.08
CA GLY A 205 -3.96 15.41 1.28
C GLY A 205 -5.07 14.60 1.91
N ILE A 206 -5.05 13.26 1.79
CA ILE A 206 -5.96 12.37 2.53
C ILE A 206 -5.59 12.35 4.02
N SER A 207 -4.30 12.34 4.34
CA SER A 207 -3.85 12.18 5.72
C SER A 207 -3.62 13.50 6.44
N MET A 208 -3.62 14.62 5.71
CA MET A 208 -3.39 15.93 6.34
C MET A 208 -4.43 16.39 7.38
N PRO A 209 -5.73 16.03 7.33
CA PRO A 209 -6.61 16.42 8.45
C PRO A 209 -6.30 15.77 9.79
N ILE A 210 -5.48 14.72 9.86
CA ILE A 210 -5.23 14.07 11.16
C ILE A 210 -4.32 14.92 12.05
N PRO A 211 -3.28 15.61 11.58
CA PRO A 211 -2.65 16.64 12.42
C PRO A 211 -3.54 17.83 12.80
N VAL A 212 -4.44 18.27 11.93
CA VAL A 212 -5.08 19.57 12.11
C VAL A 212 -6.53 19.47 12.62
N PHE A 213 -7.17 18.31 12.56
CA PHE A 213 -8.51 18.15 13.13
C PHE A 213 -8.53 17.15 14.27
N GLY A 214 -7.80 16.04 14.14
CA GLY A 214 -7.69 15.09 15.23
C GLY A 214 -6.79 15.55 16.36
N LEU A 215 -5.87 16.48 16.07
CA LEU A 215 -4.99 17.01 17.10
C LEU A 215 -5.16 18.52 17.21
N ASP A 218 -7.56 15.38 22.23
CA ASP A 218 -7.03 14.05 21.94
C ASP A 218 -8.13 13.02 21.88
N SER A 219 -9.38 13.49 21.96
CA SER A 219 -10.53 12.58 21.92
C SER A 219 -10.73 11.94 20.56
N LYS A 220 -10.25 12.58 19.49
CA LYS A 220 -10.38 12.02 18.16
C LYS A 220 -9.32 10.97 17.85
N VAL A 221 -8.29 10.85 18.67
CA VAL A 221 -7.19 9.93 18.38
C VAL A 221 -6.85 8.99 19.54
N PHE A 222 -7.24 9.27 20.76
CA PHE A 222 -6.87 8.45 21.90
C PHE A 222 -8.13 7.92 22.58
N LYS A 223 -8.10 6.64 22.96
CA LYS A 223 -9.26 6.00 23.58
C LYS A 223 -8.82 4.81 24.42
N GLU A 224 -9.07 4.90 25.73
CA GLU A 224 -8.94 3.78 26.68
C GLU A 224 -7.51 3.22 26.75
N GLY A 225 -6.53 4.12 26.74
CA GLY A 225 -5.14 3.68 26.87
C GLY A 225 -4.52 3.13 25.61
N SER A 226 -5.15 3.33 24.45
CA SER A 226 -4.60 2.89 23.19
C SER A 226 -4.87 3.96 22.14
N CYS A 227 -3.97 4.03 21.15
CA CYS A 227 -4.01 5.06 20.11
C CYS A 227 -4.76 4.49 18.92
N LEU A 228 -6.07 4.75 18.87
CA LEU A 228 -6.91 4.27 17.79
C LEU A 228 -7.83 5.42 17.33
N LEU A 229 -8.17 5.40 16.05
CA LEU A 229 -9.05 6.41 15.49
C LEU A 229 -10.46 6.28 16.05
N ALA A 230 -11.05 7.43 16.41
CA ALA A 230 -12.38 7.43 17.01
C ALA A 230 -13.34 8.44 16.40
N ASP A 231 -12.86 9.37 15.56
CA ASP A 231 -13.71 10.31 14.81
C ASP A 231 -14.42 9.61 13.63
N ASP A 232 -15.54 8.95 13.91
CA ASP A 232 -16.18 8.00 12.99
C ASP A 232 -16.53 8.59 11.61
N ASN A 233 -16.85 9.88 11.52
CA ASN A 233 -17.12 10.55 10.24
C ASN A 233 -15.90 10.57 9.31
N PHE A 234 -14.68 10.75 9.83
CA PHE A 234 -13.45 10.63 9.05
C PHE A 234 -13.12 9.17 8.71
N VAL A 235 -13.30 8.25 9.65
CA VAL A 235 -13.03 6.81 9.43
C VAL A 235 -13.90 6.24 8.32
N LEU A 236 -15.19 6.57 8.29
CA LEU A 236 -16.09 6.15 7.21
C LEU A 236 -15.90 6.95 5.90
N ILE A 237 -15.98 8.29 5.94
CA ILE A 237 -15.93 9.13 4.74
C ILE A 237 -14.53 9.22 4.11
N GLY A 238 -13.47 9.06 4.89
CA GLY A 238 -12.10 8.95 4.39
C GLY A 238 -11.87 7.62 3.65
N SER A 239 -12.41 6.51 4.18
CA SER A 239 -12.34 5.19 3.53
C SER A 239 -13.09 5.12 2.21
N PHE A 240 -14.12 5.95 2.00
CA PHE A 240 -14.76 6.05 0.69
C PHE A 240 -13.77 6.52 -0.39
N VAL A 241 -13.14 7.67 -0.22
CA VAL A 241 -12.20 8.21 -1.22
C VAL A 241 -10.83 7.54 -1.20
N SER A 242 -10.30 7.11 -0.05
CA SER A 242 -8.96 6.50 0.05
C SER A 242 -8.92 5.02 -0.30
N PHE A 243 -10.06 4.34 -0.34
CA PHE A 243 -10.11 2.93 -0.70
C PHE A 243 -11.26 2.58 -1.63
N PHE A 244 -12.52 2.84 -1.32
CA PHE A 244 -13.60 2.34 -2.19
C PHE A 244 -13.69 3.01 -3.59
N ILE A 245 -13.19 4.21 -3.80
CA ILE A 245 -12.96 4.73 -5.17
C ILE A 245 -11.76 4.07 -5.86
N PRO A 246 -10.52 4.07 -5.33
CA PRO A 246 -9.42 3.41 -6.02
C PRO A 246 -9.64 1.90 -6.19
N LEU A 247 -10.39 1.24 -5.31
CA LEU A 247 -10.86 -0.12 -5.56
C LEU A 247 -11.88 -0.19 -6.72
N THR A 248 -12.82 0.74 -6.83
CA THR A 248 -13.72 0.81 -8.01
C THR A 248 -12.94 1.02 -9.30
N ILE A 249 -11.90 1.84 -9.29
CA ILE A 249 -10.99 2.00 -10.43
C ILE A 249 -10.20 0.72 -10.70
N MET A 250 -9.67 0.01 -9.70
CA MET A 250 -9.05 -1.28 -9.97
C MET A 250 -10.03 -2.31 -10.53
N VAL A 251 -11.28 -2.34 -10.07
CA VAL A 251 -12.32 -3.25 -10.61
C VAL A 251 -12.62 -2.95 -12.09
N ILE A 252 -12.92 -1.71 -12.45
CA ILE A 252 -13.22 -1.34 -13.84
C ILE A 252 -11.98 -1.46 -14.74
N THR A 253 -10.79 -1.15 -14.23
CA THR A 253 -9.52 -1.24 -14.96
C THR A 253 -9.03 -2.67 -15.16
N TYR A 254 -9.19 -3.57 -14.19
CA TYR A 254 -8.88 -4.99 -14.35
C TYR A 254 -9.84 -5.65 -15.34
N PHE A 255 -11.12 -5.25 -15.30
CA PHE A 255 -12.10 -5.75 -16.26
C PHE A 255 -11.72 -5.37 -17.69
N LEU A 256 -11.42 -4.10 -17.93
CA LEU A 256 -11.08 -3.64 -19.27
C LEU A 256 -9.74 -4.19 -19.74
N THR A 257 -8.75 -4.29 -18.83
CA THR A 257 -7.43 -4.79 -19.21
C THR A 257 -7.46 -6.28 -19.54
N ILE A 258 -8.17 -7.08 -18.73
CA ILE A 258 -8.24 -8.51 -19.05
C ILE A 258 -9.18 -8.77 -20.22
N LYS A 259 -10.14 -7.88 -20.51
CA LYS A 259 -10.92 -8.01 -21.72
C LYS A 259 -10.11 -7.66 -22.96
N SER A 260 -9.26 -6.63 -22.86
CA SER A 260 -8.39 -6.26 -23.97
C SER A 260 -7.32 -7.30 -24.23
N LEU A 261 -6.75 -7.88 -23.17
CA LEU A 261 -5.75 -8.93 -23.37
C LEU A 261 -6.40 -10.25 -23.79
N GLN A 262 -7.66 -10.46 -23.42
CA GLN A 262 -8.36 -11.67 -23.84
C GLN A 262 -8.86 -11.58 -25.28
N LYS A 263 -8.89 -10.39 -25.87
CA LYS A 263 -9.37 -10.22 -27.24
C LYS A 263 -8.33 -10.72 -28.24
N ILE A 315 0.94 -15.12 -27.71
CA ILE A 315 -0.29 -15.34 -26.98
C ILE A 315 0.01 -15.77 -25.54
N SER A 316 1.01 -16.65 -25.39
CA SER A 316 1.38 -17.13 -24.06
C SER A 316 2.02 -16.03 -23.22
N ASN A 317 2.72 -15.10 -23.88
CA ASN A 317 3.24 -13.94 -23.12
C ASN A 317 2.02 -13.24 -22.53
N GLU A 318 0.99 -13.01 -23.35
CA GLU A 318 -0.16 -12.29 -22.82
C GLU A 318 -0.82 -13.02 -21.67
N GLN A 319 -0.85 -14.35 -21.72
CA GLN A 319 -1.52 -15.12 -20.67
C GLN A 319 -0.71 -15.15 -19.38
N LYS A 320 0.63 -15.09 -19.48
CA LYS A 320 1.45 -14.95 -18.28
C LYS A 320 1.19 -13.61 -17.60
N ALA A 321 1.05 -12.55 -18.38
CA ALA A 321 0.68 -11.24 -17.82
C ALA A 321 -0.73 -11.25 -17.26
N CYS A 322 -1.64 -12.02 -17.87
CA CYS A 322 -2.99 -12.18 -17.32
C CYS A 322 -2.95 -12.86 -15.96
N LYS A 323 -2.13 -13.89 -15.81
CA LYS A 323 -1.99 -14.58 -14.52
C LYS A 323 -1.35 -13.67 -13.47
N VAL A 324 -0.35 -12.88 -13.86
CA VAL A 324 0.29 -11.96 -12.92
C VAL A 324 -0.69 -10.85 -12.48
N LEU A 325 -1.46 -10.31 -13.43
CA LEU A 325 -2.47 -9.30 -13.11
C LEU A 325 -3.55 -9.86 -12.20
N GLY A 326 -3.99 -11.10 -12.46
CA GLY A 326 -4.97 -11.73 -11.60
C GLY A 326 -4.46 -11.97 -10.19
N ILE A 327 -3.20 -12.37 -10.06
CA ILE A 327 -2.60 -12.58 -8.75
C ILE A 327 -2.49 -11.25 -7.99
N VAL A 328 -2.07 -10.19 -8.67
CA VAL A 328 -1.90 -8.89 -8.02
C VAL A 328 -3.25 -8.32 -7.57
N PHE A 329 -4.26 -8.37 -8.43
CA PHE A 329 -5.59 -7.87 -8.07
C PHE A 329 -6.23 -8.73 -6.99
N PHE A 330 -6.14 -10.06 -7.07
CA PHE A 330 -6.78 -10.93 -6.08
C PHE A 330 -5.95 -11.08 -4.81
N LEU A 331 -4.77 -10.46 -4.75
CA LEU A 331 -4.07 -10.28 -3.49
C LEU A 331 -4.30 -8.91 -2.87
N PHE A 332 -4.45 -7.85 -3.66
CA PHE A 332 -4.75 -6.54 -3.11
C PHE A 332 -6.13 -6.51 -2.46
N VAL A 333 -7.16 -7.03 -3.13
CA VAL A 333 -8.51 -7.13 -2.55
C VAL A 333 -8.63 -8.18 -1.45
N VAL A 334 -7.57 -8.96 -1.15
CA VAL A 334 -7.58 -9.91 -0.04
C VAL A 334 -6.74 -9.43 1.14
N MET A 335 -5.71 -8.63 0.91
CA MET A 335 -4.79 -8.23 1.97
C MET A 335 -5.16 -6.90 2.62
N TRP A 336 -5.66 -5.91 1.88
CA TRP A 336 -6.10 -4.64 2.45
C TRP A 336 -7.61 -4.59 2.71
N CYS A 337 -8.44 -5.21 1.85
CA CYS A 337 -9.89 -5.04 1.96
C CYS A 337 -10.49 -5.45 3.31
N PRO A 338 -10.15 -6.59 3.97
CA PRO A 338 -10.80 -6.93 5.25
C PRO A 338 -10.73 -5.87 6.32
N PHE A 339 -9.62 -5.13 6.41
CA PHE A 339 -9.54 -4.05 7.40
C PHE A 339 -10.53 -2.94 7.10
N PHE A 340 -10.73 -2.58 5.83
CA PHE A 340 -11.61 -1.47 5.45
C PHE A 340 -13.09 -1.81 5.53
N ILE A 341 -13.49 -3.05 5.22
CA ILE A 341 -14.86 -3.50 5.51
C ILE A 341 -15.08 -3.73 7.01
N THR A 342 -14.05 -4.12 7.77
CA THR A 342 -14.18 -4.27 9.22
C THR A 342 -14.40 -2.93 9.90
N ASN A 343 -13.54 -1.94 9.64
CA ASN A 343 -13.65 -0.61 10.25
C ASN A 343 -14.89 0.15 9.74
N ILE A 344 -15.27 0.01 8.46
CA ILE A 344 -16.50 0.59 7.94
C ILE A 344 -17.73 -0.03 8.61
N MET A 345 -17.77 -1.35 8.81
CA MET A 345 -18.87 -1.97 9.54
C MET A 345 -18.88 -1.60 11.02
N ALA A 346 -17.71 -1.43 11.63
CA ALA A 346 -17.64 -1.03 13.03
C ALA A 346 -18.11 0.41 13.22
N VAL A 347 -17.87 1.30 12.25
CA VAL A 347 -18.41 2.66 12.27
C VAL A 347 -19.91 2.65 12.02
N ILE A 348 -20.40 1.82 11.10
CA ILE A 348 -21.84 1.81 10.79
C ILE A 348 -22.66 1.05 11.82
N CYS A 349 -22.03 0.25 12.68
CA CYS A 349 -22.76 -0.43 13.75
C CYS A 349 -22.62 0.33 15.07
N ASN A 354 -20.39 -6.39 20.98
CA ASN A 354 -19.60 -6.86 19.84
C ASN A 354 -18.38 -5.98 19.63
N GLU A 355 -18.08 -5.13 20.62
CA GLU A 355 -16.93 -4.25 20.51
C GLU A 355 -15.62 -5.00 20.66
N ASP A 356 -15.58 -6.00 21.55
CA ASP A 356 -14.36 -6.78 21.75
C ASP A 356 -14.06 -7.66 20.53
N VAL A 357 -15.12 -8.17 19.89
CA VAL A 357 -14.93 -8.99 18.69
C VAL A 357 -14.37 -8.16 17.54
N ILE A 358 -14.91 -6.96 17.35
CA ILE A 358 -14.41 -6.07 16.30
C ILE A 358 -13.01 -5.58 16.61
N GLY A 359 -12.70 -5.33 17.89
CA GLY A 359 -11.35 -4.93 18.26
C GLY A 359 -10.33 -6.03 18.05
N ALA A 360 -10.69 -7.27 18.40
CA ALA A 360 -9.79 -8.40 18.19
C ALA A 360 -9.65 -8.72 16.71
N LEU A 361 -10.67 -8.43 15.90
CA LEU A 361 -10.52 -8.57 14.45
C LEU A 361 -9.61 -7.48 13.88
N LEU A 362 -9.75 -6.24 14.37
CA LEU A 362 -8.94 -5.14 13.88
C LEU A 362 -7.47 -5.33 14.23
N ASN A 363 -7.19 -5.85 15.43
CA ASN A 363 -5.82 -6.06 15.89
C ASN A 363 -5.06 -7.11 15.09
N VAL A 364 -5.73 -7.93 14.31
CA VAL A 364 -5.08 -8.86 13.41
C VAL A 364 -5.15 -8.39 11.96
N PHE A 365 -6.26 -7.74 11.57
CA PHE A 365 -6.41 -7.31 10.19
C PHE A 365 -5.54 -6.11 9.85
N VAL A 366 -5.14 -5.31 10.85
CA VAL A 366 -4.13 -4.28 10.61
C VAL A 366 -2.78 -4.93 10.28
N TRP A 367 -2.42 -5.99 11.01
CA TRP A 367 -1.17 -6.70 10.74
C TRP A 367 -1.22 -7.46 9.41
N ILE A 368 -2.39 -7.93 9.01
CA ILE A 368 -2.55 -8.49 7.67
C ILE A 368 -2.41 -7.38 6.63
N GLY A 369 -2.91 -6.18 6.94
CA GLY A 369 -2.66 -5.03 6.08
C GLY A 369 -1.20 -4.66 6.00
N TYR A 370 -0.47 -4.84 7.09
CA TYR A 370 0.98 -4.62 7.08
C TYR A 370 1.71 -5.69 6.29
N LEU A 371 1.12 -6.88 6.14
CA LEU A 371 1.77 -7.95 5.40
C LEU A 371 1.79 -7.69 3.89
N SER A 372 0.99 -6.73 3.41
CA SER A 372 1.10 -6.31 2.02
C SER A 372 2.45 -5.63 1.75
N SER A 373 2.98 -4.90 2.74
CA SER A 373 4.31 -4.33 2.61
C SER A 373 5.40 -5.40 2.57
N ALA A 374 5.10 -6.62 3.03
CA ALA A 374 6.01 -7.73 2.86
C ALA A 374 5.92 -8.37 1.48
N VAL A 375 5.00 -7.88 0.63
CA VAL A 375 4.72 -8.54 -0.63
C VAL A 375 4.99 -7.65 -1.85
N ASN A 376 4.61 -6.36 -1.81
CA ASN A 376 4.88 -5.41 -2.90
C ASN A 376 6.34 -5.27 -3.35
N PRO A 377 7.35 -5.36 -2.46
CA PRO A 377 8.71 -5.59 -2.99
C PRO A 377 8.89 -6.92 -3.70
N LEU A 378 8.20 -7.98 -3.25
CA LEU A 378 8.48 -9.30 -3.80
C LEU A 378 7.75 -9.52 -5.12
N VAL A 379 6.42 -9.50 -5.11
CA VAL A 379 5.67 -10.04 -6.24
C VAL A 379 5.59 -9.06 -7.40
N TYR A 380 5.96 -7.79 -7.22
CA TYR A 380 6.00 -6.86 -8.34
C TYR A 380 7.34 -6.83 -9.05
N THR A 381 8.34 -7.56 -8.54
CA THR A 381 9.64 -7.61 -9.17
C THR A 381 10.06 -9.03 -9.54
N LEU A 382 9.67 -10.01 -8.72
CA LEU A 382 10.20 -11.37 -8.85
C LEU A 382 9.72 -12.12 -10.09
N PHE A 383 8.73 -11.60 -10.81
CA PHE A 383 8.36 -12.20 -12.09
C PHE A 383 9.17 -11.63 -13.26
N ASN A 384 10.17 -10.79 -12.97
CA ASN A 384 11.10 -10.29 -13.97
C ASN A 384 12.42 -11.04 -13.81
N LYS A 385 13.06 -11.34 -14.94
CA LYS A 385 14.29 -12.15 -14.92
C LYS A 385 15.46 -11.37 -14.33
N THR A 386 15.54 -10.07 -14.60
CA THR A 386 16.64 -9.25 -14.09
C THR A 386 16.60 -9.13 -12.58
N TYR A 387 15.40 -8.94 -12.01
CA TYR A 387 15.26 -8.86 -10.57
C TYR A 387 15.53 -10.22 -9.91
N ARG A 388 15.13 -11.31 -10.57
CA ARG A 388 15.42 -12.64 -10.05
C ARG A 388 16.93 -12.91 -10.03
N SER A 389 17.63 -12.47 -11.08
CA SER A 389 19.09 -12.61 -11.12
C SER A 389 19.75 -11.73 -10.06
N ALA A 390 19.21 -10.52 -9.85
CA ALA A 390 19.76 -9.62 -8.83
C ALA A 390 19.55 -10.16 -7.42
N PHE A 391 18.39 -10.76 -7.17
CA PHE A 391 18.13 -11.37 -5.86
C PHE A 391 18.95 -12.64 -5.67
N SER A 392 19.20 -13.39 -6.74
CA SER A 392 20.05 -14.58 -6.64
C SER A 392 21.51 -14.19 -6.48
N ARG A 393 21.89 -12.98 -6.90
CA ARG A 393 23.25 -12.50 -6.67
C ARG A 393 23.52 -12.26 -5.19
N TYR A 394 22.53 -11.74 -4.46
CA TYR A 394 22.67 -11.48 -3.03
C TYR A 394 22.30 -12.71 -2.22
#